data_1ME9
#
_entry.id   1ME9
#
_cell.length_a   154.412
_cell.length_b   154.412
_cell.length_c   154.412
_cell.angle_alpha   90.00
_cell.angle_beta   90.00
_cell.angle_gamma   90.00
#
_symmetry.space_group_name_H-M   'P 4 3 2'
#
loop_
_entity.id
_entity.type
_entity.pdbx_description
1 polymer "INOSINE-5'-MONOPHOSPHATE DEHYDROGENASE"
2 non-polymer 'POTASSIUM ION'
3 non-polymer 'INOSINIC ACID'
4 water water
#
_entity_poly.entity_id   1
_entity_poly.type   'polypeptide(L)'
_entity_poly.pdbx_seq_one_letter_code
;MAKYYNEPCHTFNEYLLIPGLSTVDCIPSNVNLSTPLVKFQKGQQSEINLKIPLVSAIMQSVSGEKMAIALAREGGISFI
FGSQSIESQAAMVHAVKNFKAGFVVSDSNVKPDQTFADVLAISQRTTHNTVAVTDDGTPHGVLLGLVTQRDYPIDLTQTE
TKVSDMMTPFSKLVTAHQDTKLSEANKIIWEKKLNALPIIDDDQHLRYIVFRKDYDRSQVCHNELVDSQKRYLVGAGINT
RDFRERVPALVEAGADVLCIDSSDGFSEWQKITIGWIREKYGDKVKVGAGNIVDGEGFRYLADAGADFIKIGIGGGSI
(CSO)ITREQKGIGRGQATAVIDVVAERNKYFEETGIYIPVCSDGGIVYDYHMTLALAMGADFIMLGRYFARFEESPTRK
VTINGSVMKEYWGEGSSRARNWQRYDLGGKQKLSFEEGVDSYVPYAGKLKDNVEASLNKVKSTMCNCGALTIPQLQSKAK
ITLVSSVSIVEGGAHDVIVKDRINDYHPK
;
_entity_poly.pdbx_strand_id   A
#
loop_
_chem_comp.id
_chem_comp.type
_chem_comp.name
_chem_comp.formula
IMP non-polymer 'INOSINIC ACID' 'C10 H13 N4 O8 P'
K non-polymer 'POTASSIUM ION' 'K 1'
#
# COMPACT_ATOMS: atom_id res chain seq x y z
N ALA A 2 -21.18 -24.67 0.81
CA ALA A 2 -20.05 -23.70 0.77
C ALA A 2 -19.18 -23.91 -0.48
N LYS A 3 -18.30 -22.95 -0.74
CA LYS A 3 -17.41 -23.03 -1.90
C LYS A 3 -15.99 -23.28 -1.40
N TYR A 4 -15.30 -24.23 -2.04
CA TYR A 4 -13.94 -24.60 -1.67
C TYR A 4 -12.99 -24.32 -2.84
N TYR A 5 -11.69 -24.34 -2.56
CA TYR A 5 -10.71 -24.08 -3.60
C TYR A 5 -9.83 -25.30 -3.86
N ASN A 6 -9.30 -25.38 -5.09
CA ASN A 6 -8.46 -26.50 -5.50
C ASN A 6 -7.06 -26.46 -4.87
N GLU A 7 -6.55 -25.27 -4.59
CA GLU A 7 -5.21 -25.15 -4.01
C GLU A 7 -5.21 -24.34 -2.73
N PRO A 8 -4.29 -24.63 -1.82
CA PRO A 8 -4.23 -23.86 -0.57
C PRO A 8 -3.58 -22.52 -0.89
N CYS A 9 -3.78 -21.50 -0.06
CA CYS A 9 -3.15 -20.21 -0.31
C CYS A 9 -1.69 -20.23 0.18
N HIS A 10 -0.86 -19.36 -0.41
CA HIS A 10 0.56 -19.29 -0.06
C HIS A 10 1.01 -17.87 0.28
N THR A 11 2.05 -17.77 1.10
CA THR A 11 2.58 -16.46 1.49
C THR A 11 3.80 -16.15 0.61
N PHE A 12 4.28 -14.92 0.68
CA PHE A 12 5.44 -14.50 -0.11
C PHE A 12 6.69 -15.33 0.14
N ASN A 13 6.87 -15.79 1.39
CA ASN A 13 8.03 -16.61 1.74
C ASN A 13 8.09 -17.95 1.00
N GLU A 14 6.98 -18.37 0.40
CA GLU A 14 6.95 -19.64 -0.33
C GLU A 14 7.34 -19.49 -1.80
N TYR A 15 7.82 -18.32 -2.18
CA TYR A 15 8.18 -18.11 -3.57
C TYR A 15 9.59 -17.58 -3.76
N LEU A 16 10.12 -17.84 -4.95
CA LEU A 16 11.44 -17.35 -5.33
C LEU A 16 11.33 -16.99 -6.80
N LEU A 17 12.17 -16.07 -7.24
CA LEU A 17 12.20 -15.65 -8.64
C LEU A 17 13.32 -16.38 -9.39
N ILE A 18 13.00 -16.89 -10.57
CA ILE A 18 14.00 -17.57 -11.38
C ILE A 18 14.50 -16.54 -12.39
N PRO A 19 15.82 -16.30 -12.43
CA PRO A 19 16.40 -15.31 -13.35
C PRO A 19 16.05 -15.51 -14.82
N GLY A 20 15.99 -14.39 -15.54
CA GLY A 20 15.70 -14.42 -16.96
C GLY A 20 16.93 -13.83 -17.64
N LEU A 21 16.84 -13.48 -18.91
CA LEU A 21 18.00 -12.92 -19.59
C LEU A 21 18.29 -11.48 -19.18
N SER A 22 19.50 -11.26 -18.67
CA SER A 22 19.91 -9.92 -18.27
C SER A 22 20.74 -9.34 -19.40
N THR A 23 20.29 -8.21 -19.93
CA THR A 23 20.97 -7.54 -21.04
C THR A 23 21.96 -6.52 -20.50
N VAL A 24 22.92 -6.12 -21.34
CA VAL A 24 23.96 -5.16 -20.95
C VAL A 24 23.44 -3.81 -20.47
N ASP A 25 22.27 -3.40 -20.93
CA ASP A 25 21.72 -2.11 -20.51
C ASP A 25 21.03 -2.13 -19.15
N CYS A 26 20.81 -3.31 -18.58
CA CYS A 26 20.14 -3.35 -17.28
C CYS A 26 21.06 -3.27 -16.09
N ILE A 27 21.16 -2.06 -15.54
CA ILE A 27 21.95 -1.83 -14.35
C ILE A 27 20.99 -1.07 -13.44
N PRO A 28 21.12 -1.26 -12.12
CA PRO A 28 20.26 -0.59 -11.13
C PRO A 28 19.91 0.86 -11.41
N SER A 29 20.92 1.68 -11.73
CA SER A 29 20.69 3.09 -11.97
C SER A 29 19.77 3.40 -13.15
N ASN A 30 19.56 2.44 -14.05
CA ASN A 30 18.68 2.68 -15.18
C ASN A 30 17.28 2.11 -14.97
N VAL A 31 17.08 1.45 -13.83
CA VAL A 31 15.77 0.87 -13.56
C VAL A 31 14.78 1.95 -13.13
N ASN A 32 13.61 1.94 -13.75
CA ASN A 32 12.56 2.92 -13.48
C ASN A 32 11.51 2.27 -12.57
N LEU A 33 11.33 2.82 -11.37
CA LEU A 33 10.36 2.26 -10.43
C LEU A 33 9.04 3.04 -10.36
N SER A 34 8.80 3.87 -11.37
CA SER A 34 7.57 4.65 -11.43
C SER A 34 6.37 3.70 -11.53
N THR A 35 5.22 4.10 -10.99
CA THR A 35 4.05 3.24 -11.01
C THR A 35 2.75 4.03 -10.81
N PRO A 36 1.65 3.59 -11.44
CA PRO A 36 0.36 4.27 -11.31
C PRO A 36 -0.35 4.07 -9.96
N LEU A 37 -0.94 5.14 -9.45
CA LEU A 37 -1.65 5.11 -8.19
C LEU A 37 -3.16 5.03 -8.38
N VAL A 38 -3.68 5.69 -9.41
CA VAL A 38 -5.13 5.69 -9.65
C VAL A 38 -5.48 5.25 -11.07
N LYS A 39 -6.70 4.75 -11.24
CA LYS A 39 -7.18 4.22 -12.50
C LYS A 39 -7.23 5.18 -13.69
N PHE A 40 -7.09 4.60 -14.88
CA PHE A 40 -7.13 5.33 -16.13
C PHE A 40 -7.63 4.39 -17.21
N GLN A 41 -7.91 4.93 -18.39
CA GLN A 41 -8.40 4.12 -19.51
C GLN A 41 -7.23 3.68 -20.38
N LYS A 42 -7.49 2.64 -21.18
CA LYS A 42 -6.51 2.11 -22.11
C LYS A 42 -5.95 3.23 -23.01
N GLY A 43 -4.64 3.25 -23.18
CA GLY A 43 -4.02 4.28 -24.01
C GLY A 43 -3.62 5.51 -23.23
N GLN A 44 -4.15 5.64 -22.02
CA GLN A 44 -3.84 6.79 -21.16
C GLN A 44 -2.76 6.47 -20.14
N GLN A 45 -2.41 7.47 -19.34
CA GLN A 45 -1.44 7.36 -18.27
C GLN A 45 -2.22 7.78 -17.02
N SER A 46 -1.81 7.30 -15.86
CA SER A 46 -2.48 7.65 -14.63
C SER A 46 -2.20 9.10 -14.26
N GLU A 47 -3.20 9.79 -13.71
CA GLU A 47 -3.04 11.17 -13.31
C GLU A 47 -2.03 11.30 -12.19
N ILE A 48 -1.81 10.22 -11.45
CA ILE A 48 -0.85 10.22 -10.36
C ILE A 48 0.06 9.00 -10.44
N ASN A 49 1.36 9.25 -10.58
CA ASN A 49 2.33 8.18 -10.66
C ASN A 49 3.36 8.35 -9.56
N LEU A 50 3.55 7.30 -8.77
CA LEU A 50 4.53 7.33 -7.70
C LEU A 50 5.91 7.18 -8.36
N LYS A 51 6.95 7.71 -7.72
CA LYS A 51 8.32 7.60 -8.24
C LYS A 51 8.88 6.26 -7.78
N ILE A 52 8.40 5.78 -6.62
CA ILE A 52 8.79 4.49 -6.08
C ILE A 52 7.48 3.82 -5.66
N PRO A 53 7.37 2.51 -5.82
CA PRO A 53 6.15 1.77 -5.47
C PRO A 53 5.87 1.49 -4.00
N LEU A 54 6.23 2.41 -3.11
CA LEU A 54 5.97 2.20 -1.69
C LEU A 54 5.06 3.27 -1.08
N VAL A 55 4.10 2.83 -0.26
CA VAL A 55 3.21 3.75 0.42
C VAL A 55 3.14 3.30 1.87
N SER A 56 3.11 4.25 2.81
CA SER A 56 3.03 3.92 4.23
C SER A 56 1.60 3.66 4.65
N ALA A 57 1.42 2.72 5.57
CA ALA A 57 0.11 2.30 6.06
C ALA A 57 -0.73 3.37 6.74
N ILE A 58 -2.03 3.18 6.68
CA ILE A 58 -2.99 4.10 7.29
C ILE A 58 -3.07 3.74 8.77
N MET A 59 -2.00 4.04 9.50
CA MET A 59 -1.89 3.72 10.91
C MET A 59 -1.35 4.85 11.77
N GLN A 60 -1.92 4.99 12.96
CA GLN A 60 -1.51 6.05 13.90
C GLN A 60 -0.03 5.96 14.20
N SER A 61 0.49 4.73 14.26
CA SER A 61 1.90 4.51 14.58
C SER A 61 2.84 4.51 13.37
N VAL A 62 2.35 4.98 12.23
CA VAL A 62 3.19 4.99 11.04
C VAL A 62 3.14 6.26 10.21
N SER A 63 1.95 6.60 9.73
CA SER A 63 1.78 7.74 8.85
C SER A 63 1.35 9.08 9.45
N GLY A 64 2.31 9.80 10.00
CA GLY A 64 2.03 11.11 10.56
C GLY A 64 2.58 12.12 9.55
N GLU A 65 2.60 13.39 9.94
CA GLU A 65 3.09 14.43 9.05
C GLU A 65 4.55 14.25 8.62
N LYS A 66 5.40 13.89 9.56
CA LYS A 66 6.82 13.70 9.26
C LYS A 66 7.05 12.54 8.28
N MET A 67 6.35 11.44 8.50
CA MET A 67 6.48 10.28 7.62
C MET A 67 6.11 10.69 6.20
N ALA A 68 4.94 11.33 6.07
CA ALA A 68 4.44 11.77 4.78
C ALA A 68 5.43 12.64 4.01
N ILE A 69 6.13 13.52 4.72
CA ILE A 69 7.10 14.40 4.09
C ILE A 69 8.35 13.62 3.67
N ALA A 70 8.88 12.82 4.59
CA ALA A 70 10.06 12.02 4.31
C ALA A 70 9.86 11.04 3.16
N LEU A 71 8.68 10.42 3.09
CA LEU A 71 8.39 9.45 2.05
C LEU A 71 8.13 10.12 0.71
N ALA A 72 7.42 11.23 0.72
CA ALA A 72 7.13 11.96 -0.50
C ALA A 72 8.42 12.46 -1.13
N ARG A 73 9.39 12.79 -0.28
CA ARG A 73 10.69 13.27 -0.74
C ARG A 73 11.43 12.21 -1.55
N GLU A 74 11.19 10.95 -1.22
CA GLU A 74 11.84 9.85 -1.90
C GLU A 74 11.01 9.32 -3.08
N GLY A 75 9.80 9.84 -3.26
CA GLY A 75 8.99 9.40 -4.37
C GLY A 75 7.74 8.59 -4.05
N GLY A 76 7.57 8.21 -2.80
CA GLY A 76 6.39 7.46 -2.41
C GLY A 76 5.34 8.39 -1.81
N ILE A 77 4.29 7.83 -1.20
CA ILE A 77 3.25 8.65 -0.60
C ILE A 77 2.71 8.00 0.69
N SER A 78 2.30 8.84 1.63
CA SER A 78 1.77 8.36 2.90
C SER A 78 0.27 8.61 2.98
N PHE A 79 -0.43 7.76 3.72
CA PHE A 79 -1.86 7.92 3.91
C PHE A 79 -2.11 8.26 5.37
N ILE A 80 -2.15 9.56 5.68
CA ILE A 80 -2.37 10.03 7.04
C ILE A 80 -3.52 9.24 7.67
N PHE A 81 -3.28 8.65 8.82
CA PHE A 81 -4.30 7.85 9.48
C PHE A 81 -5.58 8.64 9.76
N GLY A 82 -6.72 7.96 9.60
CA GLY A 82 -8.01 8.59 9.83
C GLY A 82 -8.58 8.29 11.20
N SER A 83 -7.86 7.51 12.01
CA SER A 83 -8.32 7.17 13.34
C SER A 83 -7.93 8.28 14.33
N GLN A 84 -8.46 9.47 14.06
CA GLN A 84 -8.23 10.65 14.88
C GLN A 84 -9.31 11.64 14.46
N SER A 85 -9.40 12.78 15.12
CA SER A 85 -10.42 13.76 14.78
C SER A 85 -10.25 14.29 13.36
N ILE A 86 -11.37 14.66 12.74
CA ILE A 86 -11.37 15.20 11.38
C ILE A 86 -10.46 16.44 11.32
N GLU A 87 -10.53 17.27 12.35
CA GLU A 87 -9.73 18.49 12.41
C GLU A 87 -8.25 18.15 12.53
N SER A 88 -7.95 17.13 13.33
CA SER A 88 -6.58 16.70 13.54
C SER A 88 -5.93 16.11 12.29
N GLN A 89 -6.68 15.27 11.57
CA GLN A 89 -6.17 14.66 10.36
C GLN A 89 -5.97 15.72 9.27
N ALA A 90 -6.95 16.59 9.11
CA ALA A 90 -6.86 17.64 8.11
C ALA A 90 -5.67 18.55 8.36
N ALA A 91 -5.36 18.79 9.63
CA ALA A 91 -4.23 19.65 9.95
C ALA A 91 -2.94 19.02 9.42
N MET A 92 -2.79 17.71 9.59
CA MET A 92 -1.60 17.02 9.10
C MET A 92 -1.49 17.12 7.58
N VAL A 93 -2.62 16.99 6.91
CA VAL A 93 -2.63 17.07 5.45
C VAL A 93 -2.20 18.47 5.05
N HIS A 94 -2.77 19.47 5.70
CA HIS A 94 -2.45 20.87 5.42
C HIS A 94 -0.95 21.13 5.62
N ALA A 95 -0.42 20.64 6.73
CA ALA A 95 0.99 20.81 7.05
C ALA A 95 1.89 20.25 5.95
N VAL A 96 1.56 19.06 5.46
CA VAL A 96 2.36 18.43 4.42
C VAL A 96 2.27 19.22 3.12
N LYS A 97 1.07 19.64 2.76
CA LYS A 97 0.84 20.40 1.54
C LYS A 97 1.49 21.77 1.52
N ASN A 98 1.66 22.37 2.71
CA ASN A 98 2.25 23.70 2.79
C ASN A 98 3.56 23.71 3.57
N PHE A 99 4.36 22.65 3.42
CA PHE A 99 5.64 22.55 4.11
C PHE A 99 6.71 23.44 3.49
N LYS A 100 6.63 23.66 2.17
CA LYS A 100 7.61 24.49 1.47
C LYS A 100 7.27 25.98 1.47
N ALA A 101 6.24 26.37 2.21
CA ALA A 101 5.83 27.78 2.28
C ALA A 101 6.86 28.62 3.03
N HIS A 222 15.29 15.03 -6.21
CA HIS A 222 15.21 14.55 -7.58
C HIS A 222 14.02 13.62 -7.79
N ASN A 223 13.75 12.77 -6.82
CA ASN A 223 12.64 11.84 -6.92
C ASN A 223 11.45 12.22 -6.05
N GLU A 224 11.36 13.49 -5.67
CA GLU A 224 10.25 13.93 -4.83
C GLU A 224 8.93 13.81 -5.57
N LEU A 225 7.89 13.39 -4.86
CA LEU A 225 6.57 13.25 -5.44
C LEU A 225 5.78 14.50 -5.09
N VAL A 226 5.48 15.31 -6.10
CA VAL A 226 4.76 16.57 -5.88
C VAL A 226 3.66 16.82 -6.92
N ASP A 227 2.85 17.83 -6.66
CA ASP A 227 1.78 18.22 -7.56
C ASP A 227 2.30 19.34 -8.49
N SER A 228 1.42 19.86 -9.35
CA SER A 228 1.80 20.91 -10.29
C SER A 228 2.34 22.17 -9.63
N GLN A 229 2.07 22.32 -8.34
CA GLN A 229 2.53 23.49 -7.58
C GLN A 229 3.81 23.14 -6.82
N LYS A 230 4.34 21.95 -7.10
CA LYS A 230 5.56 21.47 -6.45
C LYS A 230 5.39 21.14 -4.98
N ARG A 231 4.15 20.95 -4.54
CA ARG A 231 3.88 20.60 -3.15
C ARG A 231 3.89 19.08 -3.01
N TYR A 232 4.40 18.58 -1.90
CA TYR A 232 4.45 17.15 -1.67
C TYR A 232 3.05 16.53 -1.73
N LEU A 233 2.98 15.32 -2.29
CA LEU A 233 1.72 14.62 -2.38
C LEU A 233 1.46 13.93 -1.04
N VAL A 234 0.19 13.82 -0.68
CA VAL A 234 -0.16 13.18 0.58
C VAL A 234 -1.52 12.53 0.43
N GLY A 235 -1.72 11.41 1.11
CA GLY A 235 -2.98 10.73 1.05
C GLY A 235 -3.62 10.73 2.42
N ALA A 236 -4.90 10.37 2.49
CA ALA A 236 -5.58 10.35 3.78
C ALA A 236 -6.59 9.23 3.85
N GLY A 237 -6.56 8.49 4.96
CA GLY A 237 -7.50 7.40 5.13
C GLY A 237 -8.85 7.91 5.59
N ILE A 238 -9.92 7.24 5.19
CA ILE A 238 -11.26 7.64 5.62
C ILE A 238 -12.04 6.39 6.02
N ASN A 239 -13.16 6.57 6.72
CA ASN A 239 -13.96 5.45 7.13
C ASN A 239 -15.35 5.57 6.52
N THR A 240 -16.11 4.49 6.61
CA THR A 240 -17.46 4.44 6.05
C THR A 240 -18.53 5.09 6.92
N ARG A 241 -18.13 5.77 7.99
CA ARG A 241 -19.10 6.39 8.88
C ARG A 241 -19.25 7.90 8.78
N ASP A 242 -18.20 8.63 9.14
CA ASP A 242 -18.25 10.10 9.11
C ASP A 242 -17.65 10.74 7.86
N PHE A 243 -17.70 10.04 6.73
CA PHE A 243 -17.12 10.57 5.49
C PHE A 243 -17.77 11.85 4.94
N ARG A 244 -19.06 12.03 5.20
CA ARG A 244 -19.76 13.21 4.71
C ARG A 244 -19.17 14.49 5.27
N GLU A 245 -18.58 14.40 6.46
CA GLU A 245 -17.95 15.57 7.08
C GLU A 245 -16.43 15.49 6.95
N ARG A 246 -15.90 14.28 6.94
CA ARG A 246 -14.46 14.06 6.84
C ARG A 246 -13.87 14.32 5.45
N VAL A 247 -14.53 13.83 4.41
CA VAL A 247 -14.01 14.02 3.06
C VAL A 247 -13.86 15.50 2.67
N PRO A 248 -14.93 16.31 2.80
CA PRO A 248 -14.83 17.73 2.45
C PRO A 248 -13.68 18.43 3.16
N ALA A 249 -13.48 18.08 4.43
CA ALA A 249 -12.41 18.66 5.22
C ALA A 249 -11.04 18.24 4.68
N LEU A 250 -10.93 16.98 4.26
CA LEU A 250 -9.68 16.46 3.71
C LEU A 250 -9.39 17.10 2.35
N VAL A 251 -10.43 17.23 1.54
CA VAL A 251 -10.28 17.85 0.22
C VAL A 251 -9.83 19.29 0.40
N GLU A 252 -10.56 20.04 1.21
CA GLU A 252 -10.23 21.44 1.48
C GLU A 252 -8.79 21.58 1.98
N ALA A 253 -8.36 20.65 2.82
CA ALA A 253 -7.01 20.68 3.36
C ALA A 253 -5.94 20.41 2.28
N GLY A 254 -6.38 19.92 1.13
CA GLY A 254 -5.43 19.66 0.04
C GLY A 254 -5.01 18.22 -0.17
N ALA A 255 -5.77 17.27 0.37
CA ALA A 255 -5.46 15.86 0.20
C ALA A 255 -5.45 15.50 -1.29
N ASP A 256 -4.40 14.83 -1.73
CA ASP A 256 -4.28 14.45 -3.14
C ASP A 256 -5.03 13.16 -3.47
N VAL A 257 -5.14 12.29 -2.48
CA VAL A 257 -5.84 11.02 -2.68
C VAL A 257 -6.36 10.49 -1.35
N LEU A 258 -7.47 9.77 -1.42
CA LEU A 258 -8.07 9.21 -0.23
C LEU A 258 -8.11 7.68 -0.34
N CYS A 259 -8.31 7.02 0.79
CA CYS A 259 -8.41 5.58 0.80
C CYS A 259 -9.24 5.10 1.98
N ILE A 260 -10.30 4.35 1.69
CA ILE A 260 -11.15 3.82 2.75
C ILE A 260 -10.31 2.78 3.48
N ASP A 261 -10.26 2.91 4.80
CA ASP A 261 -9.47 2.04 5.65
C ASP A 261 -10.31 0.96 6.33
N SER A 262 -10.18 -0.29 5.87
CA SER A 262 -10.96 -1.39 6.44
C SER A 262 -10.30 -2.74 6.18
N SER A 263 -10.52 -3.71 7.08
CA SER A 263 -9.94 -5.03 6.88
C SER A 263 -10.78 -5.85 5.90
N ASP A 264 -12.09 -5.56 5.83
CA ASP A 264 -12.97 -6.26 4.90
C ASP A 264 -13.68 -5.24 4.00
N GLY A 265 -13.07 -4.95 2.87
CA GLY A 265 -13.64 -3.98 1.94
C GLY A 265 -14.77 -4.47 1.06
N PHE A 266 -15.04 -5.78 1.09
CA PHE A 266 -16.10 -6.35 0.29
C PHE A 266 -17.39 -6.00 1.06
N SER A 267 -17.72 -4.71 1.05
CA SER A 267 -18.88 -4.20 1.80
C SER A 267 -19.72 -3.17 1.05
N GLU A 268 -21.03 -3.24 1.26
CA GLU A 268 -21.95 -2.31 0.66
C GLU A 268 -21.62 -0.92 1.20
N TRP A 269 -21.04 -0.87 2.39
CA TRP A 269 -20.67 0.40 3.00
C TRP A 269 -19.62 1.15 2.17
N GLN A 270 -18.69 0.41 1.57
CA GLN A 270 -17.68 1.05 0.73
C GLN A 270 -18.30 1.52 -0.58
N LYS A 271 -19.25 0.75 -1.09
CA LYS A 271 -19.92 1.14 -2.33
C LYS A 271 -20.64 2.47 -2.08
N ILE A 272 -21.29 2.58 -0.92
CA ILE A 272 -22.01 3.78 -0.54
C ILE A 272 -21.08 4.98 -0.39
N THR A 273 -19.95 4.78 0.28
CA THR A 273 -18.98 5.84 0.48
C THR A 273 -18.42 6.36 -0.85
N ILE A 274 -18.01 5.46 -1.73
CA ILE A 274 -17.46 5.87 -3.01
C ILE A 274 -18.53 6.57 -3.84
N GLY A 275 -19.76 6.08 -3.73
CA GLY A 275 -20.87 6.67 -4.47
C GLY A 275 -21.09 8.11 -4.05
N TRP A 276 -21.03 8.38 -2.76
CA TRP A 276 -21.24 9.73 -2.25
C TRP A 276 -20.16 10.66 -2.77
N ILE A 277 -18.93 10.14 -2.87
CA ILE A 277 -17.82 10.93 -3.36
C ILE A 277 -17.97 11.28 -4.83
N ARG A 278 -18.48 10.33 -5.62
CA ARG A 278 -18.68 10.55 -7.05
C ARG A 278 -19.79 11.56 -7.33
N GLU A 279 -20.89 11.45 -6.59
CA GLU A 279 -22.03 12.35 -6.75
C GLU A 279 -21.67 13.79 -6.38
N LYS A 280 -20.79 13.93 -5.40
CA LYS A 280 -20.37 15.24 -4.91
C LYS A 280 -19.16 15.83 -5.63
N TYR A 281 -18.25 14.98 -6.08
CA TYR A 281 -17.04 15.44 -6.74
C TYR A 281 -16.73 14.80 -8.09
N GLY A 282 -17.57 13.89 -8.54
CA GLY A 282 -17.28 13.24 -9.80
C GLY A 282 -15.94 12.53 -9.67
N ASP A 283 -15.17 12.49 -10.76
CA ASP A 283 -13.86 11.84 -10.75
C ASP A 283 -12.73 12.80 -10.37
N LYS A 284 -13.06 13.91 -9.72
CA LYS A 284 -12.07 14.90 -9.32
C LYS A 284 -11.36 14.50 -8.03
N VAL A 285 -12.03 13.72 -7.21
CA VAL A 285 -11.46 13.25 -5.96
C VAL A 285 -11.17 11.76 -6.11
N LYS A 286 -9.93 11.37 -5.84
CA LYS A 286 -9.53 9.98 -5.96
C LYS A 286 -9.68 9.23 -4.64
N VAL A 287 -10.21 8.01 -4.71
CA VAL A 287 -10.41 7.22 -3.52
C VAL A 287 -10.14 5.73 -3.73
N GLY A 288 -9.19 5.21 -2.97
CA GLY A 288 -8.87 3.79 -3.03
C GLY A 288 -9.80 3.07 -2.08
N ALA A 289 -10.02 1.78 -2.32
CA ALA A 289 -10.91 0.99 -1.46
C ALA A 289 -10.30 -0.36 -1.12
N GLY A 290 -10.89 -1.08 -0.17
CA GLY A 290 -10.38 -2.37 0.22
C GLY A 290 -10.47 -2.55 1.73
N ASN A 291 -9.90 -3.62 2.28
CA ASN A 291 -9.16 -4.65 1.53
C ASN A 291 -10.00 -5.83 1.07
N ILE A 292 -9.56 -6.46 -0.02
CA ILE A 292 -10.22 -7.64 -0.55
C ILE A 292 -9.12 -8.66 -0.88
N VAL A 293 -9.50 -9.91 -1.17
CA VAL A 293 -8.50 -10.94 -1.46
C VAL A 293 -8.78 -11.84 -2.66
N ASP A 294 -9.87 -11.58 -3.38
CA ASP A 294 -10.18 -12.39 -4.56
C ASP A 294 -10.80 -11.55 -5.67
N GLY A 295 -11.00 -12.17 -6.83
CA GLY A 295 -11.58 -11.48 -7.97
C GLY A 295 -12.95 -10.88 -7.71
N GLU A 296 -13.78 -11.57 -6.95
CA GLU A 296 -15.13 -11.07 -6.65
C GLU A 296 -15.05 -9.78 -5.85
N GLY A 297 -14.17 -9.74 -4.85
CA GLY A 297 -14.02 -8.56 -4.03
C GLY A 297 -13.48 -7.39 -4.86
N PHE A 298 -12.53 -7.69 -5.74
CA PHE A 298 -11.93 -6.68 -6.62
C PHE A 298 -13.03 -6.09 -7.51
N ARG A 299 -13.74 -6.99 -8.18
CA ARG A 299 -14.82 -6.67 -9.11
C ARG A 299 -15.89 -5.78 -8.47
N TYR A 300 -16.27 -6.10 -7.24
CA TYR A 300 -17.27 -5.31 -6.55
C TYR A 300 -16.79 -3.87 -6.33
N LEU A 301 -15.56 -3.70 -5.86
CA LEU A 301 -15.06 -2.36 -5.64
C LEU A 301 -14.76 -1.65 -6.96
N ALA A 302 -14.44 -2.42 -7.99
CA ALA A 302 -14.16 -1.83 -9.29
C ALA A 302 -15.45 -1.20 -9.85
N ASP A 303 -16.52 -1.97 -9.89
CA ASP A 303 -17.79 -1.49 -10.38
C ASP A 303 -18.32 -0.35 -9.52
N ALA A 304 -17.94 -0.34 -8.24
CA ALA A 304 -18.37 0.70 -7.32
C ALA A 304 -17.62 2.01 -7.60
N GLY A 305 -16.54 1.94 -8.39
CA GLY A 305 -15.80 3.14 -8.74
C GLY A 305 -14.46 3.44 -8.08
N ALA A 306 -13.94 2.50 -7.30
CA ALA A 306 -12.66 2.72 -6.63
C ALA A 306 -11.56 3.09 -7.63
N ASP A 307 -10.65 3.98 -7.24
CA ASP A 307 -9.54 4.39 -8.11
C ASP A 307 -8.33 3.45 -8.01
N PHE A 308 -8.27 2.70 -6.92
CA PHE A 308 -7.24 1.70 -6.72
C PHE A 308 -7.80 0.78 -5.64
N ILE A 309 -7.39 -0.48 -5.68
CA ILE A 309 -7.91 -1.45 -4.73
C ILE A 309 -6.81 -2.11 -3.91
N LYS A 310 -6.99 -2.14 -2.59
CA LYS A 310 -6.00 -2.73 -1.70
C LYS A 310 -6.26 -4.21 -1.43
N ILE A 311 -5.19 -4.97 -1.50
CA ILE A 311 -5.22 -6.42 -1.31
C ILE A 311 -4.58 -6.87 0.00
N GLY A 312 -5.29 -7.70 0.74
CA GLY A 312 -4.71 -8.21 1.96
C GLY A 312 -5.55 -8.26 3.22
N ILE A 313 -5.74 -9.47 3.72
CA ILE A 313 -6.47 -9.71 4.96
C ILE A 313 -5.77 -10.84 5.70
N GLY A 314 -5.26 -10.53 6.89
CA GLY A 314 -4.58 -11.53 7.70
C GLY A 314 -3.09 -11.69 7.49
N GLY A 315 -2.54 -10.96 6.53
CA GLY A 315 -1.12 -11.07 6.24
C GLY A 315 -0.24 -10.06 6.98
N GLY A 316 -0.84 -9.03 7.57
CA GLY A 316 -0.08 -8.03 8.30
C GLY A 316 0.79 -8.61 9.40
N SER A 317 1.88 -7.92 9.74
CA SER A 317 2.79 -8.37 10.78
C SER A 317 2.15 -8.34 12.17
N ILE A 318 1.21 -7.43 12.38
CA ILE A 318 0.52 -7.32 13.66
C ILE A 318 -0.83 -8.02 13.60
N CSO A 319 -0.94 -9.04 12.76
CA CSO A 319 -2.19 -9.77 12.62
CB CSO A 319 -2.77 -9.57 11.23
SG CSO A 319 -4.36 -10.45 11.00
C CSO A 319 -2.08 -11.26 12.92
O CSO A 319 -1.37 -11.99 12.22
OD CSO A 319 -5.69 -9.97 12.14
N ILE A 320 -2.80 -11.70 13.94
CA ILE A 320 -2.81 -13.12 14.33
C ILE A 320 -4.21 -13.64 14.02
N THR A 321 -4.56 -13.62 12.74
CA THR A 321 -5.86 -14.08 12.24
C THR A 321 -6.49 -15.22 13.05
N ARG A 322 -5.74 -16.31 13.21
CA ARG A 322 -6.21 -17.47 13.96
C ARG A 322 -6.15 -17.21 15.46
N GLU A 323 -6.73 -16.08 15.85
CA GLU A 323 -6.79 -15.65 17.24
C GLU A 323 -7.80 -14.52 17.26
N GLN A 324 -8.21 -14.11 16.05
CA GLN A 324 -9.18 -13.05 15.86
C GLN A 324 -10.49 -13.64 15.35
N LYS A 325 -10.73 -13.53 14.03
CA LYS A 325 -11.96 -14.06 13.45
C LYS A 325 -11.74 -15.15 12.41
N GLY A 326 -10.48 -15.45 12.13
CA GLY A 326 -10.20 -16.50 11.16
C GLY A 326 -10.57 -16.21 9.73
N ILE A 327 -10.38 -14.96 9.30
CA ILE A 327 -10.66 -14.58 7.91
C ILE A 327 -9.33 -14.20 7.27
N GLY A 328 -9.20 -14.45 5.98
CA GLY A 328 -7.96 -14.09 5.32
C GLY A 328 -7.52 -15.03 4.21
N ARG A 329 -6.32 -14.79 3.72
CA ARG A 329 -5.77 -15.58 2.63
C ARG A 329 -4.29 -15.26 2.51
N GLY A 330 -3.47 -16.27 2.19
CA GLY A 330 -2.05 -16.02 2.01
C GLY A 330 -1.93 -14.83 1.07
N GLN A 331 -1.12 -13.86 1.44
CA GLN A 331 -0.94 -12.65 0.64
C GLN A 331 -0.58 -12.91 -0.83
N ALA A 332 0.33 -13.85 -1.08
CA ALA A 332 0.74 -14.15 -2.45
C ALA A 332 -0.43 -14.59 -3.32
N THR A 333 -1.17 -15.59 -2.85
CA THR A 333 -2.32 -16.08 -3.59
C THR A 333 -3.35 -14.97 -3.81
N ALA A 334 -3.53 -14.13 -2.80
CA ALA A 334 -4.46 -13.02 -2.87
C ALA A 334 -4.10 -12.07 -4.01
N VAL A 335 -2.83 -11.67 -4.07
CA VAL A 335 -2.36 -10.76 -5.11
C VAL A 335 -2.52 -11.38 -6.49
N ILE A 336 -2.01 -12.61 -6.65
CA ILE A 336 -2.08 -13.31 -7.92
C ILE A 336 -3.53 -13.41 -8.44
N ASP A 337 -4.45 -13.74 -7.54
CA ASP A 337 -5.86 -13.88 -7.92
C ASP A 337 -6.50 -12.54 -8.29
N VAL A 338 -6.24 -11.51 -7.48
CA VAL A 338 -6.80 -10.19 -7.72
C VAL A 338 -6.24 -9.61 -9.01
N VAL A 339 -4.94 -9.78 -9.22
CA VAL A 339 -4.29 -9.28 -10.42
C VAL A 339 -4.87 -9.91 -11.68
N ALA A 340 -5.19 -11.20 -11.63
CA ALA A 340 -5.77 -11.88 -12.78
C ALA A 340 -7.14 -11.28 -13.09
N GLU A 341 -7.91 -10.99 -12.04
CA GLU A 341 -9.23 -10.42 -12.22
C GLU A 341 -9.11 -8.98 -12.74
N ARG A 342 -8.14 -8.24 -12.24
CA ARG A 342 -7.92 -6.86 -12.66
C ARG A 342 -7.57 -6.80 -14.15
N ASN A 343 -6.75 -7.75 -14.61
CA ASN A 343 -6.37 -7.79 -16.02
C ASN A 343 -7.55 -8.21 -16.89
N LYS A 344 -8.38 -9.10 -16.37
CA LYS A 344 -9.57 -9.56 -17.09
C LYS A 344 -10.50 -8.35 -17.20
N TYR A 345 -10.63 -7.63 -16.09
CA TYR A 345 -11.48 -6.44 -16.04
C TYR A 345 -10.99 -5.38 -17.04
N PHE A 346 -9.69 -5.18 -17.11
CA PHE A 346 -9.10 -4.22 -18.03
C PHE A 346 -9.48 -4.56 -19.48
N GLU A 347 -9.38 -5.84 -19.81
CA GLU A 347 -9.70 -6.32 -21.15
C GLU A 347 -11.17 -6.19 -21.52
N GLU A 348 -12.05 -6.25 -20.52
CA GLU A 348 -13.49 -6.14 -20.78
C GLU A 348 -13.96 -4.70 -20.87
N THR A 349 -13.40 -3.85 -20.03
CA THR A 349 -13.83 -2.45 -19.96
C THR A 349 -12.85 -1.37 -20.42
N GLY A 350 -11.58 -1.72 -20.62
CA GLY A 350 -10.60 -0.74 -21.02
C GLY A 350 -10.14 0.11 -19.84
N ILE A 351 -10.59 -0.26 -18.64
CA ILE A 351 -10.22 0.47 -17.42
C ILE A 351 -9.14 -0.29 -16.66
N TYR A 352 -8.01 0.35 -16.41
CA TYR A 352 -6.92 -0.28 -15.67
C TYR A 352 -6.96 0.25 -14.24
N ILE A 353 -7.20 -0.64 -13.29
CA ILE A 353 -7.24 -0.23 -11.89
C ILE A 353 -6.00 -0.71 -11.15
N PRO A 354 -5.18 0.24 -10.65
CA PRO A 354 -3.97 -0.15 -9.92
C PRO A 354 -4.34 -0.90 -8.65
N VAL A 355 -3.55 -1.90 -8.27
CA VAL A 355 -3.83 -2.65 -7.06
C VAL A 355 -2.65 -2.56 -6.11
N CYS A 356 -2.96 -2.56 -4.82
CA CYS A 356 -1.95 -2.44 -3.79
C CYS A 356 -1.84 -3.67 -2.92
N SER A 357 -0.62 -4.20 -2.79
CA SER A 357 -0.41 -5.36 -1.93
C SER A 357 -0.15 -4.75 -0.56
N ASP A 358 -1.08 -4.98 0.35
CA ASP A 358 -1.01 -4.43 1.69
C ASP A 358 -0.65 -5.43 2.79
N GLY A 359 0.52 -5.25 3.38
CA GLY A 359 0.95 -6.12 4.48
C GLY A 359 1.67 -7.40 4.09
N GLY A 360 2.35 -7.99 5.06
CA GLY A 360 3.05 -9.22 4.82
C GLY A 360 4.47 -9.10 4.30
N ILE A 361 4.96 -7.87 4.11
CA ILE A 361 6.32 -7.70 3.63
C ILE A 361 7.28 -7.89 4.79
N VAL A 362 8.04 -8.98 4.76
CA VAL A 362 9.00 -9.29 5.80
C VAL A 362 10.44 -9.02 5.36
N TYR A 363 10.75 -9.33 4.11
CA TYR A 363 12.09 -9.11 3.55
C TYR A 363 12.01 -8.23 2.31
N ASP A 364 13.12 -7.60 1.95
CA ASP A 364 13.13 -6.73 0.78
C ASP A 364 12.69 -7.46 -0.48
N TYR A 365 13.09 -8.71 -0.64
CA TYR A 365 12.74 -9.45 -1.84
C TYR A 365 11.24 -9.73 -1.96
N HIS A 366 10.51 -9.59 -0.87
CA HIS A 366 9.06 -9.79 -0.91
C HIS A 366 8.48 -8.65 -1.73
N MET A 367 9.15 -7.50 -1.71
CA MET A 367 8.71 -6.33 -2.48
C MET A 367 8.76 -6.70 -3.96
N THR A 368 9.91 -7.23 -4.39
CA THR A 368 10.10 -7.63 -5.78
C THR A 368 9.04 -8.68 -6.16
N LEU A 369 8.79 -9.63 -5.25
CA LEU A 369 7.79 -10.67 -5.51
C LEU A 369 6.40 -10.07 -5.71
N ALA A 370 5.99 -9.21 -4.78
CA ALA A 370 4.67 -8.56 -4.83
C ALA A 370 4.47 -7.83 -6.16
N LEU A 371 5.47 -7.07 -6.56
CA LEU A 371 5.41 -6.32 -7.81
C LEU A 371 5.38 -7.30 -8.99
N ALA A 372 6.24 -8.32 -8.96
CA ALA A 372 6.31 -9.29 -10.04
C ALA A 372 4.99 -10.01 -10.22
N MET A 373 4.30 -10.27 -9.12
CA MET A 373 3.01 -10.96 -9.20
C MET A 373 1.93 -10.04 -9.76
N GLY A 374 2.22 -8.76 -9.93
CA GLY A 374 1.22 -7.87 -10.49
C GLY A 374 0.80 -6.65 -9.70
N ALA A 375 1.14 -6.60 -8.41
CA ALA A 375 0.77 -5.43 -7.62
C ALA A 375 1.50 -4.22 -8.18
N ASP A 376 0.79 -3.10 -8.28
CA ASP A 376 1.37 -1.86 -8.81
C ASP A 376 2.19 -1.18 -7.73
N PHE A 377 1.73 -1.25 -6.49
CA PHE A 377 2.47 -0.68 -5.38
C PHE A 377 2.25 -1.47 -4.10
N ILE A 378 3.04 -1.15 -3.08
CA ILE A 378 3.01 -1.88 -1.83
C ILE A 378 2.75 -0.98 -0.63
N MET A 379 1.87 -1.43 0.27
CA MET A 379 1.59 -0.66 1.48
C MET A 379 2.32 -1.36 2.63
N LEU A 380 3.11 -0.61 3.39
CA LEU A 380 3.84 -1.19 4.50
C LEU A 380 3.64 -0.43 5.79
N GLY A 381 3.56 -1.17 6.89
CA GLY A 381 3.39 -0.56 8.21
C GLY A 381 4.65 -0.73 9.02
N ARG A 382 4.93 -1.96 9.43
CA ARG A 382 6.11 -2.25 10.23
C ARG A 382 7.41 -1.70 9.63
N TYR A 383 7.59 -1.91 8.33
CA TYR A 383 8.78 -1.44 7.61
C TYR A 383 9.08 0.04 7.90
N PHE A 384 8.05 0.87 7.78
CA PHE A 384 8.20 2.31 8.02
C PHE A 384 8.18 2.72 9.51
N ALA A 385 7.55 1.92 10.36
CA ALA A 385 7.47 2.25 11.78
C ALA A 385 8.87 2.34 12.42
N ARG A 386 9.80 1.54 11.89
CA ARG A 386 11.17 1.49 12.37
C ARG A 386 11.97 2.77 12.15
N PHE A 387 11.46 3.67 11.32
CA PHE A 387 12.19 4.89 11.03
C PHE A 387 11.98 6.06 11.99
N GLU A 388 12.99 6.92 12.04
CA GLU A 388 13.00 8.11 12.87
C GLU A 388 11.74 8.93 12.66
N GLU A 389 11.30 8.99 11.41
CA GLU A 389 10.13 9.78 11.05
C GLU A 389 8.75 9.24 11.47
N SER A 390 8.68 8.01 11.95
CA SER A 390 7.38 7.48 12.39
C SER A 390 7.00 8.28 13.65
N PRO A 391 5.72 8.65 13.79
CA PRO A 391 5.18 9.42 14.91
C PRO A 391 5.21 8.78 16.29
N THR A 392 5.91 7.66 16.44
CA THR A 392 5.96 7.00 17.73
C THR A 392 7.22 7.32 18.52
N ARG A 393 7.24 6.88 19.77
CA ARG A 393 8.38 7.14 20.64
C ARG A 393 9.51 6.15 20.45
N LYS A 394 10.73 6.68 20.50
CA LYS A 394 11.94 5.90 20.35
C LYS A 394 12.27 5.42 21.76
N VAL A 395 12.17 4.12 21.99
CA VAL A 395 12.44 3.57 23.31
C VAL A 395 13.66 2.65 23.39
N THR A 396 14.66 3.07 24.15
CA THR A 396 15.87 2.28 24.32
C THR A 396 15.60 1.20 25.36
N ILE A 397 15.43 -0.04 24.91
CA ILE A 397 15.14 -1.16 25.79
C ILE A 397 16.30 -2.14 25.95
N ASN A 398 16.92 -2.12 27.13
CA ASN A 398 18.02 -3.01 27.45
C ASN A 398 19.14 -2.97 26.40
N GLY A 399 19.64 -1.77 26.13
CA GLY A 399 20.71 -1.61 25.16
C GLY A 399 20.32 -1.44 23.70
N SER A 400 19.13 -1.93 23.33
CA SER A 400 18.67 -1.82 21.95
C SER A 400 17.58 -0.77 21.78
N VAL A 401 17.76 0.11 20.80
CA VAL A 401 16.78 1.15 20.53
C VAL A 401 15.65 0.55 19.70
N MET A 402 14.42 0.74 20.19
CA MET A 402 13.23 0.23 19.52
C MET A 402 12.25 1.36 19.28
N LYS A 403 11.19 1.06 18.54
CA LYS A 403 10.13 2.03 18.26
C LYS A 403 8.80 1.35 18.51
N GLU A 404 7.84 2.11 19.01
CA GLU A 404 6.52 1.56 19.29
C GLU A 404 5.77 1.26 18.00
N TYR A 405 4.98 0.21 18.03
CA TYR A 405 4.20 -0.17 16.87
C TYR A 405 2.98 -0.96 17.32
N TRP A 406 1.81 -0.45 17.01
CA TRP A 406 0.57 -1.10 17.39
C TRP A 406 -0.39 -1.05 16.22
N GLY A 407 -1.28 -2.04 16.13
CA GLY A 407 -2.24 -2.09 15.04
C GLY A 407 -3.46 -1.20 15.27
N GLU A 408 -4.16 -0.89 14.19
CA GLU A 408 -5.35 -0.05 14.26
C GLU A 408 -6.50 -0.77 14.97
N GLY A 409 -6.37 -2.08 15.11
CA GLY A 409 -7.39 -2.87 15.78
C GLY A 409 -7.17 -3.00 17.27
N SER A 410 -5.99 -2.64 17.75
CA SER A 410 -5.70 -2.74 19.18
C SER A 410 -6.50 -1.68 19.93
N SER A 411 -6.80 -1.96 21.20
CA SER A 411 -7.58 -1.05 22.03
C SER A 411 -6.84 0.28 22.18
N ARG A 412 -5.51 0.21 22.14
CA ARG A 412 -4.67 1.39 22.27
C ARG A 412 -4.93 2.40 21.16
N ALA A 413 -5.82 2.06 20.23
CA ALA A 413 -6.09 2.97 19.11
C ALA A 413 -7.54 3.05 18.67
N ARG A 414 -8.25 1.92 18.68
CA ARG A 414 -9.63 1.89 18.23
C ARG A 414 -10.61 2.69 19.10
N ASN A 415 -10.34 2.79 20.40
CA ASN A 415 -11.21 3.55 21.28
C ASN A 415 -10.80 5.03 21.19
N TRP A 416 -11.01 5.63 20.02
CA TRP A 416 -10.65 7.04 19.81
C TRP A 416 -11.90 7.93 19.84
N PHE A 429 -12.33 -9.37 25.51
CA PHE A 429 -11.82 -9.77 24.21
C PHE A 429 -11.10 -8.59 23.55
N GLU A 430 -10.07 -8.88 22.76
CA GLU A 430 -9.33 -7.83 22.08
C GLU A 430 -9.25 -8.04 20.57
N GLU A 431 -8.81 -7.01 19.86
CA GLU A 431 -8.74 -7.09 18.40
C GLU A 431 -7.43 -6.55 17.81
N GLY A 432 -6.36 -6.57 18.59
CA GLY A 432 -5.10 -6.08 18.08
C GLY A 432 -3.91 -6.38 18.98
N VAL A 433 -2.73 -5.94 18.54
CA VAL A 433 -1.50 -6.16 19.31
C VAL A 433 -0.64 -4.90 19.39
N ASP A 434 0.13 -4.80 20.47
CA ASP A 434 1.02 -3.67 20.73
C ASP A 434 2.43 -4.25 20.83
N SER A 435 3.39 -3.67 20.11
CA SER A 435 4.75 -4.19 20.14
C SER A 435 5.84 -3.17 19.84
N TYR A 436 7.06 -3.66 19.70
CA TYR A 436 8.23 -2.84 19.41
C TYR A 436 8.96 -3.33 18.16
N VAL A 437 9.54 -2.39 17.42
CA VAL A 437 10.30 -2.73 16.22
C VAL A 437 11.68 -2.10 16.36
N PRO A 438 12.72 -2.81 15.89
CA PRO A 438 14.09 -2.28 15.99
C PRO A 438 14.27 -0.98 15.20
N TYR A 439 14.90 -0.01 15.83
CA TYR A 439 15.16 1.29 15.22
C TYR A 439 16.08 1.09 14.02
N ALA A 440 15.72 1.69 12.88
CA ALA A 440 16.50 1.55 11.67
C ALA A 440 17.09 2.86 11.20
N GLY A 441 16.85 3.93 11.95
CA GLY A 441 17.38 5.22 11.56
C GLY A 441 16.42 5.98 10.66
N LYS A 442 16.95 6.87 9.84
CA LYS A 442 16.15 7.67 8.93
C LYS A 442 15.64 6.87 7.72
N LEU A 443 14.43 7.21 7.29
CA LEU A 443 13.77 6.55 6.16
C LEU A 443 14.63 6.49 4.88
N LYS A 444 15.18 7.63 4.48
CA LYS A 444 16.01 7.73 3.28
C LYS A 444 17.00 6.60 2.99
N ASP A 445 17.96 6.40 3.89
CA ASP A 445 18.98 5.38 3.70
C ASP A 445 18.44 3.97 3.58
N ASN A 446 17.39 3.68 4.34
CA ASN A 446 16.79 2.35 4.32
C ASN A 446 16.01 2.08 3.05
N VAL A 447 15.26 3.07 2.58
CA VAL A 447 14.50 2.93 1.35
C VAL A 447 15.45 2.78 0.16
N GLU A 448 16.50 3.58 0.14
CA GLU A 448 17.48 3.53 -0.94
C GLU A 448 18.07 2.12 -1.00
N ALA A 449 18.44 1.60 0.17
CA ALA A 449 19.02 0.27 0.26
C ALA A 449 18.05 -0.81 -0.23
N SER A 450 16.81 -0.73 0.26
CA SER A 450 15.79 -1.69 -0.13
C SER A 450 15.53 -1.68 -1.64
N LEU A 451 15.37 -0.48 -2.19
CA LEU A 451 15.09 -0.35 -3.62
C LEU A 451 16.27 -0.67 -4.52
N ASN A 452 17.49 -0.58 -3.99
CA ASN A 452 18.66 -0.94 -4.78
C ASN A 452 18.63 -2.45 -4.99
N LYS A 453 18.19 -3.19 -3.98
CA LYS A 453 18.12 -4.64 -4.10
C LYS A 453 16.99 -5.06 -5.04
N VAL A 454 15.89 -4.31 -5.01
CA VAL A 454 14.77 -4.61 -5.87
C VAL A 454 15.19 -4.38 -7.33
N LYS A 455 15.85 -3.25 -7.57
CA LYS A 455 16.33 -2.90 -8.91
C LYS A 455 17.31 -3.95 -9.43
N SER A 456 18.21 -4.39 -8.55
CA SER A 456 19.21 -5.38 -8.90
C SER A 456 18.53 -6.70 -9.27
N THR A 457 17.56 -7.11 -8.46
CA THR A 457 16.83 -8.34 -8.71
C THR A 457 16.05 -8.19 -10.02
N MET A 458 15.49 -7.00 -10.26
CA MET A 458 14.75 -6.76 -11.48
C MET A 458 15.63 -7.01 -12.70
N CYS A 459 16.88 -6.56 -12.64
CA CYS A 459 17.79 -6.78 -13.75
C CYS A 459 18.13 -8.27 -13.93
N ASN A 460 18.12 -9.03 -12.83
CA ASN A 460 18.38 -10.46 -12.93
C ASN A 460 17.22 -11.07 -13.72
N CYS A 461 16.05 -10.47 -13.59
CA CYS A 461 14.84 -10.96 -14.27
C CYS A 461 14.64 -10.33 -15.64
N GLY A 462 15.62 -9.54 -16.08
CA GLY A 462 15.53 -8.89 -17.38
C GLY A 462 14.51 -7.75 -17.45
N ALA A 463 14.30 -7.04 -16.35
CA ALA A 463 13.32 -5.97 -16.34
C ALA A 463 13.87 -4.60 -15.95
N LEU A 464 13.54 -3.60 -16.74
CA LEU A 464 13.97 -2.22 -16.47
C LEU A 464 12.85 -1.41 -15.83
N THR A 465 11.64 -1.95 -15.85
CA THR A 465 10.49 -1.27 -15.27
C THR A 465 9.57 -2.28 -14.60
N ILE A 466 8.67 -1.80 -13.76
CA ILE A 466 7.74 -2.68 -13.07
C ILE A 466 6.85 -3.42 -14.07
N PRO A 467 6.31 -2.71 -15.07
CA PRO A 467 5.45 -3.41 -16.03
C PRO A 467 6.22 -4.53 -16.75
N GLN A 468 7.49 -4.28 -17.06
CA GLN A 468 8.29 -5.29 -17.74
C GLN A 468 8.56 -6.47 -16.82
N LEU A 469 8.72 -6.20 -15.52
CA LEU A 469 8.95 -7.26 -14.54
C LEU A 469 7.69 -8.11 -14.41
N GLN A 470 6.53 -7.46 -14.42
CA GLN A 470 5.27 -8.17 -14.26
C GLN A 470 4.99 -9.07 -15.45
N SER A 471 5.53 -8.67 -16.59
CA SER A 471 5.36 -9.43 -17.82
C SER A 471 6.36 -10.58 -17.95
N LYS A 472 7.61 -10.33 -17.59
CA LYS A 472 8.67 -11.32 -17.72
C LYS A 472 9.04 -12.20 -16.52
N ALA A 473 8.58 -11.86 -15.32
CA ALA A 473 8.92 -12.63 -14.14
C ALA A 473 8.57 -14.12 -14.22
N LYS A 474 9.49 -14.94 -13.71
CA LYS A 474 9.33 -16.38 -13.66
C LYS A 474 9.26 -16.64 -12.16
N ILE A 475 8.10 -17.04 -11.68
CA ILE A 475 7.91 -17.22 -10.26
C ILE A 475 7.62 -18.65 -9.86
N THR A 476 8.46 -19.19 -8.98
CA THR A 476 8.30 -20.56 -8.53
C THR A 476 8.01 -20.69 -7.05
N LEU A 477 7.19 -21.67 -6.75
CA LEU A 477 6.81 -21.98 -5.39
C LEU A 477 7.94 -22.90 -4.91
N VAL A 478 8.24 -22.89 -3.61
CA VAL A 478 9.28 -23.76 -3.08
C VAL A 478 8.63 -24.69 -2.05
N SER A 479 9.24 -25.84 -1.81
CA SER A 479 8.70 -26.81 -0.87
C SER A 479 8.80 -26.33 0.56
N SER A 480 7.92 -26.83 1.42
CA SER A 480 7.91 -26.45 2.83
C SER A 480 9.23 -26.86 3.48
N VAL A 481 9.74 -28.02 3.08
CA VAL A 481 11.01 -28.53 3.62
C VAL A 481 12.17 -27.59 3.37
N SER A 482 12.23 -27.00 2.17
CA SER A 482 13.31 -26.08 1.82
C SER A 482 13.29 -24.81 2.67
N ILE A 483 12.16 -24.54 3.29
CA ILE A 483 12.01 -23.34 4.13
C ILE A 483 12.50 -23.59 5.55
K K B . -17.58 -8.84 3.34
P IMP C . 2.71 -4.80 8.02
O1P IMP C . 3.02 -4.33 9.40
O2P IMP C . 3.45 -3.95 7.05
O3P IMP C . 3.06 -6.30 7.84
O5' IMP C . 1.16 -4.74 7.65
C5' IMP C . 0.46 -3.52 7.88
C4' IMP C . -0.97 -3.60 7.45
O4' IMP C . -1.61 -4.41 8.51
C3' IMP C . -1.84 -2.35 7.40
O3' IMP C . -1.67 -1.59 6.22
C2' IMP C . -3.22 -2.90 7.55
O2' IMP C . -3.80 -3.27 6.33
C1' IMP C . -2.99 -4.06 8.52
N9 IMP C . -3.31 -3.68 9.94
C8 IMP C . -3.20 -2.48 10.62
N7 IMP C . -3.57 -2.57 11.85
C5 IMP C . -3.95 -3.87 12.04
C6 IMP C . -4.46 -4.56 13.19
O6 IMP C . -4.66 -4.08 14.31
N1 IMP C . -4.74 -5.95 12.97
C2 IMP C . -4.56 -6.57 11.72
N3 IMP C . -4.08 -5.90 10.64
C4 IMP C . -3.80 -4.58 10.86
#